data_8GBN
#
_entry.id   8GBN
#
_cell.length_a   41.017
_cell.length_b   114.896
_cell.length_c   56.265
_cell.angle_alpha   90.00
_cell.angle_beta   90.14
_cell.angle_gamma   90.00
#
_symmetry.space_group_name_H-M   'P 1 21 1'
#
loop_
_entity.id
_entity.type
_entity.pdbx_description
1 polymer 'NAD-dependent protein deacylase sirtuin-5, mitochondrial'
2 non-polymer 'ZINC ION'
3 non-polymer 1,2-ETHANEDIOL
4 water water
#
_entity_poly.entity_id   1
_entity_poly.type   'polypeptide(L)'
_entity_poly.pdbx_seq_one_letter_code
;KMARPSSSMADFRKFFAKAKHIVIISGAGVSAESGVPTFRGAGGYWRKWQAQDLATPLAFAHNPSRVWEFYHYRREVMGS
KETNAGHRAIAECETRLGKQGRRVVVITQNIDELHRKAGTKNLLEIHGSLFKTRCTSCGVVAENYKSPICPALSGKGAPE
PGTQDASIPVEKLPRCEEAGCGGLLRPHVVWFGENLDPAILEEVDRELAHCDLCLVVGTSSVVYPAAMFAPQVAARGVPV
AEFNTETTPATNRFRFHFQGPCGTTLPEALA
;
_entity_poly.pdbx_strand_id   A,B
#
loop_
_chem_comp.id
_chem_comp.type
_chem_comp.name
_chem_comp.formula
EDO non-polymer 1,2-ETHANEDIOL 'C2 H6 O2'
ZN non-polymer 'ZINC ION' 'Zn 2'
#
# COMPACT_ATOMS: atom_id res chain seq x y z
N SER A 8 -2.15 -28.44 -8.34
CA SER A 8 -2.51 -29.50 -7.38
C SER A 8 -1.50 -29.57 -6.23
N MET A 9 -1.96 -29.96 -5.02
CA MET A 9 -1.11 -30.11 -3.84
C MET A 9 0.11 -30.97 -4.20
N ALA A 10 -0.11 -32.02 -5.02
CA ALA A 10 0.91 -32.96 -5.53
C ALA A 10 1.99 -32.23 -6.36
N ASP A 11 1.58 -31.31 -7.28
CA ASP A 11 2.51 -30.52 -8.09
C ASP A 11 3.17 -29.41 -7.26
N PHE A 12 2.42 -28.77 -6.32
CA PHE A 12 2.98 -27.74 -5.44
C PHE A 12 4.13 -28.35 -4.56
N ARG A 13 4.01 -29.60 -4.08
CA ARG A 13 5.05 -30.27 -3.26
C ARG A 13 6.34 -30.57 -4.07
N LYS A 14 6.20 -30.65 -5.43
CA LYS A 14 7.34 -30.82 -6.34
C LYS A 14 8.20 -29.54 -6.30
N PHE A 15 7.54 -28.34 -6.28
CA PHE A 15 8.18 -27.03 -6.17
C PHE A 15 8.78 -26.84 -4.80
N PHE A 16 7.99 -27.16 -3.74
CA PHE A 16 8.39 -27.01 -2.35
C PHE A 16 9.69 -27.77 -2.02
N ALA A 17 9.91 -28.93 -2.65
CA ALA A 17 11.12 -29.73 -2.40
C ALA A 17 12.34 -29.10 -3.05
N LYS A 18 12.14 -28.47 -4.22
CA LYS A 18 13.20 -27.83 -5.01
C LYS A 18 13.56 -26.41 -4.53
N ALA A 19 12.59 -25.70 -3.90
CA ALA A 19 12.69 -24.33 -3.40
C ALA A 19 13.74 -24.15 -2.29
N LYS A 20 14.75 -23.29 -2.57
CA LYS A 20 15.86 -22.96 -1.67
C LYS A 20 15.62 -21.66 -0.84
N HIS A 21 14.65 -20.81 -1.24
CA HIS A 21 14.30 -19.55 -0.58
C HIS A 21 12.78 -19.33 -0.68
N ILE A 22 12.07 -19.66 0.39
CA ILE A 22 10.60 -19.53 0.49
C ILE A 22 10.27 -18.26 1.28
N VAL A 23 9.34 -17.42 0.73
CA VAL A 23 8.82 -16.24 1.42
C VAL A 23 7.35 -16.54 1.72
N ILE A 24 6.98 -16.42 3.02
CA ILE A 24 5.61 -16.69 3.50
C ILE A 24 5.03 -15.36 3.94
N ILE A 25 3.94 -14.91 3.28
CA ILE A 25 3.26 -13.67 3.62
C ILE A 25 2.04 -14.06 4.43
N SER A 26 2.09 -13.74 5.73
CA SER A 26 1.05 -14.07 6.70
C SER A 26 0.06 -12.89 6.97
N GLY A 27 -1.23 -13.15 6.75
CA GLY A 27 -2.31 -12.18 6.94
C GLY A 27 -3.12 -12.38 8.20
N ALA A 28 -4.11 -11.50 8.41
CA ALA A 28 -4.99 -11.48 9.60
C ALA A 28 -5.70 -12.82 9.89
N GLY A 29 -5.86 -13.63 8.84
CA GLY A 29 -6.50 -14.93 8.91
C GLY A 29 -5.75 -15.92 9.76
N VAL A 30 -4.40 -15.88 9.69
CA VAL A 30 -3.55 -16.78 10.47
C VAL A 30 -3.78 -16.50 11.97
N SER A 31 -4.01 -15.22 12.31
CA SER A 31 -4.27 -14.70 13.66
C SER A 31 -5.72 -14.97 14.11
N ALA A 32 -6.73 -14.73 13.24
CA ALA A 32 -8.17 -14.97 13.51
C ALA A 32 -8.47 -16.44 13.85
N GLU A 33 -7.74 -17.39 13.23
CA GLU A 33 -7.84 -18.83 13.47
C GLU A 33 -7.37 -19.20 14.91
N SER A 34 -6.71 -18.27 15.61
CA SER A 34 -6.26 -18.44 16.98
C SER A 34 -7.18 -17.65 17.92
N GLY A 35 -8.29 -17.15 17.37
CA GLY A 35 -9.29 -16.38 18.12
C GLY A 35 -8.81 -14.98 18.50
N VAL A 36 -8.00 -14.37 17.65
CA VAL A 36 -7.46 -13.06 17.90
C VAL A 36 -8.45 -12.02 17.39
N PRO A 37 -8.85 -11.06 18.25
CA PRO A 37 -9.68 -9.95 17.78
C PRO A 37 -8.90 -9.13 16.76
N THR A 38 -9.18 -9.42 15.48
CA THR A 38 -8.61 -8.74 14.31
C THR A 38 -9.51 -7.51 14.17
N PHE A 39 -8.99 -6.32 14.46
CA PHE A 39 -9.84 -5.14 14.44
C PHE A 39 -9.98 -4.60 13.01
N ARG A 40 -10.38 -5.51 12.11
CA ARG A 40 -10.64 -5.27 10.70
C ARG A 40 -12.02 -5.84 10.36
N GLY A 41 -12.66 -5.24 9.36
CA GLY A 41 -14.00 -5.63 8.91
C GLY A 41 -15.06 -5.41 9.97
N ALA A 42 -16.01 -6.38 10.06
CA ALA A 42 -17.14 -6.34 11.01
C ALA A 42 -16.70 -6.14 12.48
N GLY A 43 -15.54 -6.69 12.85
CA GLY A 43 -15.00 -6.59 14.19
C GLY A 43 -14.08 -5.39 14.41
N GLY A 44 -14.09 -4.45 13.46
CA GLY A 44 -13.25 -3.26 13.51
C GLY A 44 -13.75 -2.19 14.46
N TYR A 45 -14.24 -2.60 15.64
CA TYR A 45 -14.85 -1.72 16.64
C TYR A 45 -14.40 -2.02 18.07
N TRP A 46 -14.15 -0.93 18.80
CA TRP A 46 -13.86 -0.86 20.24
C TRP A 46 -14.74 0.26 20.77
N ARG A 47 -15.91 -0.09 21.37
CA ARG A 47 -16.89 0.87 21.91
C ARG A 47 -17.47 1.81 20.80
N LYS A 48 -17.68 3.10 21.14
CA LYS A 48 -18.27 4.15 20.31
C LYS A 48 -17.45 4.42 19.05
N TRP A 49 -16.27 3.80 18.92
CA TRP A 49 -15.41 4.03 17.77
C TRP A 49 -15.02 2.78 17.03
N GLN A 50 -14.49 3.05 15.82
CA GLN A 50 -13.88 2.13 14.86
C GLN A 50 -12.38 2.11 15.11
N ALA A 51 -11.74 0.93 14.95
CA ALA A 51 -10.29 0.76 15.10
C ALA A 51 -9.50 1.77 14.24
N GLN A 52 -10.01 2.10 13.03
CA GLN A 52 -9.44 3.07 12.08
C GLN A 52 -9.46 4.51 12.66
N ASP A 53 -10.32 4.76 13.65
CA ASP A 53 -10.42 6.05 14.31
C ASP A 53 -9.50 6.15 15.52
N LEU A 54 -9.13 5.00 16.12
CA LEU A 54 -8.25 4.96 17.30
C LEU A 54 -6.77 4.80 16.94
N ALA A 55 -6.46 4.05 15.88
CA ALA A 55 -5.09 3.81 15.46
C ALA A 55 -4.58 4.94 14.55
N THR A 56 -4.51 6.20 15.05
CA THR A 56 -4.00 7.34 14.26
C THR A 56 -3.13 8.31 15.11
N PRO A 57 -2.11 8.97 14.47
CA PRO A 57 -1.29 9.95 15.22
C PRO A 57 -2.12 11.09 15.84
N LEU A 58 -3.19 11.55 15.14
CA LEU A 58 -4.10 12.62 15.62
C LEU A 58 -4.91 12.15 16.84
N ALA A 59 -5.45 10.89 16.82
CA ALA A 59 -6.18 10.34 17.96
C ALA A 59 -5.27 10.26 19.21
N PHE A 60 -4.00 9.80 19.05
CA PHE A 60 -3.05 9.70 20.16
C PHE A 60 -2.68 11.09 20.69
N ALA A 61 -2.71 12.12 19.82
CA ALA A 61 -2.36 13.49 20.20
C ALA A 61 -3.48 14.12 21.03
N HIS A 62 -4.75 13.92 20.62
CA HIS A 62 -5.89 14.49 21.33
C HIS A 62 -6.23 13.69 22.58
N ASN A 63 -6.31 12.33 22.46
CA ASN A 63 -6.61 11.47 23.60
C ASN A 63 -5.66 10.26 23.68
N PRO A 64 -4.44 10.44 24.26
CA PRO A 64 -3.49 9.30 24.38
C PRO A 64 -3.97 8.19 25.33
N SER A 65 -4.76 8.56 26.35
CA SER A 65 -5.35 7.67 27.34
C SER A 65 -6.36 6.69 26.71
N ARG A 66 -7.18 7.18 25.77
CA ARG A 66 -8.18 6.37 25.09
C ARG A 66 -7.51 5.40 24.13
N VAL A 67 -6.50 5.85 23.40
CA VAL A 67 -5.69 5.03 22.50
C VAL A 67 -4.91 4.00 23.34
N TRP A 68 -4.47 4.37 24.55
CA TRP A 68 -3.78 3.44 25.44
C TRP A 68 -4.71 2.40 26.01
N GLU A 69 -5.97 2.77 26.31
CA GLU A 69 -6.99 1.86 26.84
C GLU A 69 -7.30 0.79 25.82
N PHE A 70 -7.34 1.18 24.53
CA PHE A 70 -7.61 0.31 23.39
C PHE A 70 -6.42 -0.64 23.13
N TYR A 71 -5.18 -0.13 23.16
CA TYR A 71 -4.00 -0.95 22.93
C TYR A 71 -3.69 -1.85 24.12
N HIS A 72 -4.06 -1.44 25.37
CA HIS A 72 -3.91 -2.25 26.59
C HIS A 72 -4.86 -3.45 26.48
N TYR A 73 -6.08 -3.21 25.99
CA TYR A 73 -7.05 -4.27 25.77
C TYR A 73 -6.48 -5.35 24.81
N ARG A 74 -5.92 -4.91 23.67
CA ARG A 74 -5.31 -5.77 22.64
C ARG A 74 -4.13 -6.58 23.18
N ARG A 75 -3.28 -5.96 24.03
CA ARG A 75 -2.15 -6.66 24.68
C ARG A 75 -2.69 -7.74 25.63
N GLU A 76 -3.72 -7.39 26.43
CA GLU A 76 -4.31 -8.26 27.43
C GLU A 76 -5.13 -9.44 26.86
N VAL A 77 -5.80 -9.27 25.68
CA VAL A 77 -6.57 -10.38 25.09
C VAL A 77 -5.63 -11.53 24.67
N MET A 78 -4.35 -11.24 24.43
CA MET A 78 -3.39 -12.25 24.01
C MET A 78 -3.03 -13.28 25.06
N GLY A 79 -3.29 -12.98 26.33
CA GLY A 79 -3.01 -13.89 27.45
C GLY A 79 -3.57 -15.28 27.23
N SER A 80 -4.88 -15.38 26.88
CA SER A 80 -5.62 -16.61 26.62
C SER A 80 -5.40 -17.23 25.21
N LYS A 81 -4.53 -16.61 24.37
CA LYS A 81 -4.35 -17.04 22.98
C LYS A 81 -3.08 -17.83 22.78
N GLU A 82 -3.23 -18.91 22.01
CA GLU A 82 -2.15 -19.81 21.67
C GLU A 82 -1.96 -19.84 20.18
N THR A 83 -0.76 -20.20 19.80
CA THR A 83 -0.33 -20.39 18.44
C THR A 83 -1.10 -21.61 17.84
N ASN A 84 -1.66 -21.45 16.62
CA ASN A 84 -2.42 -22.53 15.99
C ASN A 84 -1.54 -23.48 15.13
N ALA A 85 -2.18 -24.51 14.52
CA ALA A 85 -1.52 -25.54 13.72
C ALA A 85 -0.85 -24.98 12.47
N GLY A 86 -1.33 -23.83 11.98
CA GLY A 86 -0.74 -23.10 10.86
C GLY A 86 0.58 -22.47 11.25
N HIS A 87 0.59 -21.65 12.33
CA HIS A 87 1.82 -21.06 12.86
C HIS A 87 2.89 -22.12 13.11
N ARG A 88 2.52 -23.21 13.87
CA ARG A 88 3.43 -24.32 14.21
C ARG A 88 4.01 -24.99 12.97
N ALA A 89 3.17 -25.24 11.95
CA ALA A 89 3.59 -25.84 10.68
C ALA A 89 4.58 -24.93 9.98
N ILE A 90 4.39 -23.59 10.05
CA ILE A 90 5.26 -22.58 9.44
C ILE A 90 6.62 -22.55 10.20
N ALA A 91 6.59 -22.49 11.56
CA ALA A 91 7.78 -22.50 12.43
C ALA A 91 8.61 -23.76 12.25
N GLU A 92 7.97 -24.96 12.23
CA GLU A 92 8.63 -26.27 12.07
C GLU A 92 9.31 -26.39 10.71
N CYS A 93 8.71 -25.79 9.67
CA CYS A 93 9.19 -25.79 8.30
C CYS A 93 10.53 -25.02 8.20
N GLU A 94 10.57 -23.83 8.76
CA GLU A 94 11.74 -22.95 8.81
C GLU A 94 12.91 -23.64 9.54
N THR A 95 12.64 -24.39 10.64
CA THR A 95 13.66 -25.15 11.39
C THR A 95 14.29 -26.28 10.51
N ARG A 96 13.43 -27.17 9.96
CA ARG A 96 13.84 -28.29 9.12
C ARG A 96 14.69 -27.83 7.94
N LEU A 97 14.10 -27.00 7.02
CA LEU A 97 14.76 -26.46 5.82
C LEU A 97 16.03 -25.64 6.18
N GLY A 98 16.09 -25.10 7.40
CA GLY A 98 17.24 -24.37 7.92
C GLY A 98 18.43 -25.29 8.10
N LYS A 99 18.19 -26.52 8.63
CA LYS A 99 19.22 -27.54 8.83
C LYS A 99 19.74 -28.09 7.48
N GLN A 100 18.99 -27.84 6.37
CA GLN A 100 19.31 -28.23 5.00
C GLN A 100 20.04 -27.11 4.21
N GLY A 101 20.28 -25.96 4.87
CA GLY A 101 20.92 -24.80 4.24
C GLY A 101 19.98 -24.05 3.29
N ARG A 102 18.66 -24.21 3.49
CA ARG A 102 17.62 -23.56 2.72
C ARG A 102 16.95 -22.50 3.58
N ARG A 103 16.32 -21.48 2.93
CA ARG A 103 15.71 -20.36 3.66
C ARG A 103 14.20 -20.30 3.61
N VAL A 104 13.62 -19.99 4.77
CA VAL A 104 12.18 -19.76 5.01
C VAL A 104 12.10 -18.47 5.82
N VAL A 105 11.30 -17.51 5.35
CA VAL A 105 11.10 -16.23 6.02
C VAL A 105 9.59 -15.88 6.00
N VAL A 106 9.09 -15.30 7.11
CA VAL A 106 7.70 -14.92 7.31
C VAL A 106 7.60 -13.42 7.30
N ILE A 107 6.80 -12.86 6.39
CA ILE A 107 6.49 -11.42 6.29
C ILE A 107 5.05 -11.32 6.77
N THR A 108 4.77 -10.44 7.76
CA THR A 108 3.43 -10.32 8.37
C THR A 108 3.10 -8.87 8.81
N GLN A 109 1.78 -8.53 8.82
CA GLN A 109 1.31 -7.26 9.33
C GLN A 109 0.60 -7.52 10.70
N ASN A 110 0.55 -8.80 11.16
CA ASN A 110 -0.01 -9.19 12.45
C ASN A 110 0.94 -8.74 13.57
N ILE A 111 0.42 -7.99 14.54
CA ILE A 111 1.18 -7.36 15.62
C ILE A 111 1.04 -8.14 16.95
N ASP A 112 0.54 -9.40 16.89
CA ASP A 112 0.22 -10.24 18.06
C ASP A 112 1.32 -11.24 18.50
N GLU A 113 2.42 -11.35 17.74
CA GLU A 113 3.62 -12.16 18.04
C GLU A 113 3.38 -13.68 18.09
N LEU A 114 2.24 -14.19 17.56
CA LEU A 114 1.94 -15.63 17.59
C LEU A 114 2.93 -16.43 16.73
N HIS A 115 3.61 -15.77 15.73
CA HIS A 115 4.67 -16.45 14.97
C HIS A 115 5.93 -16.55 15.81
N ARG A 116 6.12 -15.58 16.73
CA ARG A 116 7.27 -15.55 17.62
C ARG A 116 7.11 -16.63 18.70
N LYS A 117 5.91 -16.74 19.27
CA LYS A 117 5.59 -17.76 20.29
C LYS A 117 5.67 -19.17 19.68
N ALA A 118 5.42 -19.29 18.34
CA ALA A 118 5.46 -20.54 17.58
C ALA A 118 6.88 -21.03 17.38
N GLY A 119 7.81 -20.10 17.20
CA GLY A 119 9.19 -20.44 16.92
C GLY A 119 9.71 -19.95 15.59
N THR A 120 9.07 -18.93 14.98
CA THR A 120 9.58 -18.33 13.74
C THR A 120 10.78 -17.43 14.14
N LYS A 121 11.90 -17.53 13.38
CA LYS A 121 13.08 -16.73 13.66
C LYS A 121 13.21 -15.64 12.60
N ASN A 122 13.15 -16.00 11.32
CA ASN A 122 13.17 -15.09 10.20
C ASN A 122 11.76 -14.54 10.04
N LEU A 123 11.41 -13.61 10.95
CA LEU A 123 10.11 -12.95 11.07
C LEU A 123 10.25 -11.47 10.77
N LEU A 124 9.54 -11.00 9.74
CA LEU A 124 9.52 -9.59 9.33
C LEU A 124 8.15 -9.03 9.67
N GLU A 125 8.06 -8.30 10.78
CA GLU A 125 6.80 -7.71 11.25
C GLU A 125 6.74 -6.29 10.72
N ILE A 126 6.16 -6.13 9.52
CA ILE A 126 6.06 -4.86 8.79
C ILE A 126 5.21 -3.80 9.51
N HIS A 127 4.37 -4.18 10.50
CA HIS A 127 3.55 -3.20 11.22
C HIS A 127 3.92 -3.05 12.70
N GLY A 128 5.07 -3.59 13.11
CA GLY A 128 5.52 -3.55 14.50
C GLY A 128 4.86 -4.59 15.39
N SER A 129 4.84 -4.33 16.71
CA SER A 129 4.32 -5.25 17.72
C SER A 129 3.58 -4.56 18.87
N LEU A 130 2.53 -5.24 19.40
CA LEU A 130 1.74 -4.84 20.57
C LEU A 130 2.62 -4.87 21.82
N PHE A 131 3.67 -5.70 21.79
CA PHE A 131 4.57 -5.92 22.92
C PHE A 131 5.91 -5.20 22.73
N LYS A 132 5.83 -4.05 22.05
CA LYS A 132 6.93 -3.14 21.79
C LYS A 132 6.45 -1.72 21.94
N THR A 133 7.26 -0.90 22.64
CA THR A 133 6.94 0.52 22.85
C THR A 133 7.93 1.36 22.10
N ARG A 134 7.61 2.64 21.95
CA ARG A 134 8.46 3.65 21.34
C ARG A 134 8.25 4.95 22.12
N CYS A 135 9.34 5.56 22.58
CA CYS A 135 9.24 6.82 23.29
C CYS A 135 9.00 7.93 22.30
N THR A 136 7.93 8.71 22.51
CA THR A 136 7.59 9.83 21.63
C THR A 136 8.62 10.96 21.79
N SER A 137 9.48 10.88 22.84
CA SER A 137 10.45 11.90 23.17
C SER A 137 11.87 11.53 22.70
N CYS A 138 12.46 10.39 23.16
CA CYS A 138 13.81 9.98 22.79
C CYS A 138 13.87 8.97 21.62
N GLY A 139 12.71 8.42 21.21
CA GLY A 139 12.60 7.45 20.11
C GLY A 139 13.04 6.02 20.37
N VAL A 140 13.39 5.67 21.63
CA VAL A 140 13.86 4.31 21.95
C VAL A 140 12.70 3.31 21.81
N VAL A 141 13.01 2.14 21.23
CA VAL A 141 12.12 1.01 21.03
C VAL A 141 12.49 -0.06 22.06
N ALA A 142 11.51 -0.56 22.79
CA ALA A 142 11.75 -1.57 23.83
C ALA A 142 10.67 -2.64 23.88
N GLU A 143 11.08 -3.84 24.22
CA GLU A 143 10.18 -4.97 24.44
C GLU A 143 9.41 -4.72 25.75
N ASN A 144 8.09 -4.90 25.71
CA ASN A 144 7.25 -4.71 26.88
C ASN A 144 6.12 -5.72 26.84
N TYR A 145 6.16 -6.63 27.82
CA TYR A 145 5.17 -7.68 28.04
C TYR A 145 4.51 -7.54 29.38
N LYS A 146 4.91 -6.52 30.19
CA LYS A 146 4.39 -6.24 31.54
C LYS A 146 2.83 -6.15 31.53
N SER A 147 2.14 -6.83 32.48
CA SER A 147 0.66 -6.85 32.53
C SER A 147 0.08 -6.35 33.88
N PRO A 148 -0.54 -5.15 33.94
CA PRO A 148 -0.71 -4.14 32.87
C PRO A 148 0.61 -3.44 32.48
N ILE A 149 0.59 -2.63 31.38
CA ILE A 149 1.79 -1.88 30.95
C ILE A 149 2.16 -0.82 32.04
N CYS A 150 1.14 -0.28 32.75
CA CYS A 150 1.32 0.67 33.85
C CYS A 150 0.14 0.56 34.85
N PRO A 151 0.41 0.85 36.16
CA PRO A 151 -0.61 0.66 37.22
C PRO A 151 -1.94 1.38 37.04
N ALA A 152 -1.97 2.49 36.28
CA ALA A 152 -3.17 3.28 36.01
C ALA A 152 -4.10 2.56 35.04
N LEU A 153 -3.58 1.54 34.34
CA LEU A 153 -4.35 0.76 33.37
C LEU A 153 -4.81 -0.58 33.98
N SER A 154 -4.60 -0.76 35.29
CA SER A 154 -5.08 -1.93 36.02
C SER A 154 -6.64 -1.98 35.96
N GLY A 155 -7.18 -3.05 35.41
CA GLY A 155 -8.61 -3.23 35.27
C GLY A 155 -9.28 -2.33 34.26
N LYS A 156 -8.50 -1.77 33.32
CA LYS A 156 -9.05 -0.86 32.33
C LYS A 156 -9.08 -1.51 30.92
N GLY A 157 -9.61 -0.77 29.94
CA GLY A 157 -9.68 -1.18 28.56
C GLY A 157 -10.80 -2.09 28.13
N ALA A 158 -11.94 -2.11 28.86
CA ALA A 158 -13.11 -2.95 28.53
C ALA A 158 -13.67 -2.58 27.14
N PRO A 159 -13.99 -3.61 26.30
CA PRO A 159 -14.44 -3.31 24.91
C PRO A 159 -15.84 -2.72 24.75
N GLU A 160 -16.79 -3.02 25.69
CA GLU A 160 -18.23 -2.63 25.69
C GLU A 160 -18.48 -1.14 25.53
N PRO A 161 -19.45 -0.71 24.70
CA PRO A 161 -19.73 0.74 24.59
C PRO A 161 -20.42 1.25 25.85
N GLY A 162 -20.28 2.55 26.08
CA GLY A 162 -20.84 3.20 27.27
C GLY A 162 -19.85 3.25 28.43
N THR A 163 -18.89 2.28 28.48
CA THR A 163 -17.83 2.16 29.47
C THR A 163 -17.13 3.51 29.63
N GLN A 164 -17.02 3.97 30.89
CA GLN A 164 -16.40 5.24 31.21
C GLN A 164 -14.94 5.26 30.73
N ASP A 165 -14.51 6.44 30.25
CA ASP A 165 -13.13 6.64 29.83
C ASP A 165 -12.30 6.64 31.10
N ALA A 166 -11.22 5.81 31.15
CA ALA A 166 -10.31 5.75 32.30
C ALA A 166 -9.85 7.16 32.70
N SER A 167 -9.71 8.07 31.70
CA SER A 167 -9.29 9.47 31.83
C SER A 167 -8.01 9.56 32.69
N ILE A 168 -6.91 9.00 32.15
CA ILE A 168 -5.64 8.95 32.84
C ILE A 168 -4.84 10.14 32.44
N PRO A 169 -4.26 10.92 33.38
CA PRO A 169 -3.43 12.06 32.96
C PRO A 169 -2.16 11.51 32.30
N VAL A 170 -1.60 12.25 31.31
CA VAL A 170 -0.42 11.80 30.53
C VAL A 170 0.71 11.29 31.40
N GLU A 171 0.94 11.91 32.56
CA GLU A 171 2.01 11.53 33.48
C GLU A 171 1.83 10.10 34.00
N LYS A 172 0.58 9.68 34.22
CA LYS A 172 0.28 8.35 34.74
C LYS A 172 0.16 7.28 33.62
N LEU A 173 0.25 7.68 32.33
CA LEU A 173 0.23 6.76 31.18
C LEU A 173 1.62 6.10 31.00
N PRO A 174 1.86 5.09 30.11
CA PRO A 174 3.21 4.51 30.01
C PRO A 174 4.30 5.53 29.68
N ARG A 175 5.35 5.57 30.53
CA ARG A 175 6.48 6.51 30.43
C ARG A 175 7.79 5.77 30.25
N CYS A 176 8.76 6.43 29.59
CA CYS A 176 10.10 5.95 29.27
C CYS A 176 10.95 5.79 30.54
N GLU A 177 11.44 4.56 30.76
CA GLU A 177 12.26 4.15 31.91
C GLU A 177 13.76 4.46 31.67
N GLU A 178 14.11 5.12 30.54
CA GLU A 178 15.48 5.58 30.27
C GLU A 178 15.80 6.73 31.21
N ALA A 179 17.04 6.74 31.73
CA ALA A 179 17.48 7.73 32.70
C ALA A 179 17.40 9.15 32.15
N GLY A 180 16.56 9.96 32.79
CA GLY A 180 16.36 11.36 32.47
C GLY A 180 15.51 11.64 31.24
N CYS A 181 14.62 10.68 30.88
CA CYS A 181 13.75 10.89 29.75
C CYS A 181 12.33 11.14 30.26
N GLY A 182 11.68 10.07 30.75
CA GLY A 182 10.32 10.12 31.26
C GLY A 182 9.25 10.49 30.25
N GLY A 183 9.61 10.47 28.97
CA GLY A 183 8.71 10.78 27.86
C GLY A 183 7.57 9.81 27.72
N LEU A 184 6.48 10.29 27.12
CA LEU A 184 5.26 9.53 26.90
C LEU A 184 5.52 8.39 25.88
N LEU A 185 5.28 7.15 26.30
CA LEU A 185 5.44 6.02 25.39
C LEU A 185 4.20 5.85 24.53
N ARG A 186 4.40 5.27 23.36
CA ARG A 186 3.34 4.93 22.40
C ARG A 186 3.59 3.49 21.97
N PRO A 187 2.55 2.72 21.53
CA PRO A 187 2.85 1.37 21.04
C PRO A 187 3.64 1.47 19.74
N HIS A 188 4.63 0.56 19.55
CA HIS A 188 5.50 0.46 18.37
C HIS A 188 4.74 -0.30 17.26
N VAL A 189 3.62 0.29 16.79
CA VAL A 189 2.75 -0.20 15.72
C VAL A 189 2.54 0.89 14.66
N VAL A 190 2.48 0.50 13.38
CA VAL A 190 2.21 1.43 12.27
C VAL A 190 0.75 1.86 12.39
N TRP A 191 0.49 3.16 12.54
CA TRP A 191 -0.89 3.67 12.63
C TRP A 191 -1.39 4.03 11.22
N PHE A 192 -2.66 4.47 11.11
CA PHE A 192 -3.24 4.87 9.82
C PHE A 192 -2.62 6.21 9.35
N GLY A 193 -2.08 6.19 8.12
CA GLY A 193 -1.42 7.34 7.50
C GLY A 193 0.06 7.41 7.85
N GLU A 194 0.56 6.38 8.53
CA GLU A 194 1.97 6.27 8.91
C GLU A 194 2.64 5.34 7.94
N ASN A 195 3.88 5.66 7.61
CA ASN A 195 4.67 4.88 6.68
C ASN A 195 5.32 3.73 7.36
N LEU A 196 5.68 2.71 6.58
CA LEU A 196 6.40 1.57 7.14
C LEU A 196 7.86 1.97 7.32
N ASP A 197 8.58 1.31 8.21
CA ASP A 197 10.00 1.61 8.43
C ASP A 197 10.78 1.31 7.13
N PRO A 198 11.57 2.28 6.60
CA PRO A 198 12.33 2.02 5.35
C PRO A 198 13.31 0.85 5.48
N ALA A 199 13.82 0.57 6.71
CA ALA A 199 14.72 -0.56 6.98
C ALA A 199 13.98 -1.90 6.80
N ILE A 200 12.71 -1.97 7.28
CA ILE A 200 11.86 -3.17 7.15
C ILE A 200 11.55 -3.40 5.67
N LEU A 201 11.19 -2.34 4.92
CA LEU A 201 10.85 -2.48 3.51
C LEU A 201 12.03 -2.87 2.65
N GLU A 202 13.25 -2.37 2.98
CA GLU A 202 14.50 -2.73 2.31
C GLU A 202 14.70 -4.25 2.42
N GLU A 203 14.69 -4.77 3.68
CA GLU A 203 14.76 -6.19 4.02
C GLU A 203 13.71 -7.01 3.25
N VAL A 204 12.45 -6.48 3.21
CA VAL A 204 11.31 -7.11 2.54
C VAL A 204 11.61 -7.22 1.03
N ASP A 205 11.92 -6.10 0.36
CA ASP A 205 12.22 -6.06 -1.07
C ASP A 205 13.40 -6.97 -1.41
N ARG A 206 14.36 -7.11 -0.50
CA ARG A 206 15.50 -8.00 -0.66
C ARG A 206 15.03 -9.46 -0.68
N GLU A 207 14.11 -9.82 0.27
CA GLU A 207 13.58 -11.19 0.35
C GLU A 207 12.84 -11.58 -0.95
N LEU A 208 11.88 -10.74 -1.37
CA LEU A 208 11.06 -10.95 -2.57
C LEU A 208 11.88 -11.07 -3.85
N ALA A 209 13.06 -10.43 -3.89
CA ALA A 209 13.94 -10.44 -5.06
C ALA A 209 14.76 -11.73 -5.17
N HIS A 210 15.03 -12.39 -4.03
CA HIS A 210 15.85 -13.59 -4.00
C HIS A 210 15.07 -14.90 -3.87
N CYS A 211 13.75 -14.86 -3.57
CA CYS A 211 12.99 -16.09 -3.34
C CYS A 211 12.67 -16.83 -4.64
N ASP A 212 12.59 -18.17 -4.56
CA ASP A 212 12.27 -19.08 -5.68
C ASP A 212 10.87 -19.75 -5.50
N LEU A 213 10.19 -19.44 -4.39
CA LEU A 213 8.83 -19.88 -4.03
C LEU A 213 8.28 -18.90 -3.06
N CYS A 214 7.00 -18.56 -3.23
CA CYS A 214 6.30 -17.59 -2.39
C CYS A 214 4.93 -18.12 -1.98
N LEU A 215 4.60 -18.02 -0.69
CA LEU A 215 3.29 -18.44 -0.18
C LEU A 215 2.58 -17.25 0.43
N VAL A 216 1.25 -17.23 0.31
CA VAL A 216 0.35 -16.20 0.85
C VAL A 216 -0.70 -16.92 1.70
N VAL A 217 -0.69 -16.70 3.00
CA VAL A 217 -1.60 -17.41 3.92
C VAL A 217 -2.45 -16.41 4.74
N GLY A 218 -3.71 -16.77 4.98
CA GLY A 218 -4.67 -16.01 5.77
C GLY A 218 -5.10 -14.67 5.20
N THR A 219 -4.75 -14.45 3.92
CA THR A 219 -5.01 -13.23 3.11
C THR A 219 -4.96 -13.69 1.66
N SER A 220 -4.86 -12.75 0.70
CA SER A 220 -4.70 -13.04 -0.74
C SER A 220 -3.89 -11.90 -1.42
N SER A 221 -3.34 -12.17 -2.63
CA SER A 221 -2.58 -11.23 -3.45
C SER A 221 -3.39 -10.00 -3.92
N VAL A 222 -4.71 -9.93 -3.64
CA VAL A 222 -5.56 -8.83 -4.13
C VAL A 222 -5.95 -7.85 -3.02
N VAL A 223 -5.66 -8.21 -1.78
CA VAL A 223 -5.94 -7.43 -0.57
C VAL A 223 -4.59 -7.02 0.10
N TYR A 224 -4.61 -5.96 0.93
CA TYR A 224 -3.45 -5.47 1.68
C TYR A 224 -3.01 -6.52 2.75
N PRO A 225 -1.69 -6.83 2.99
CA PRO A 225 -0.47 -6.26 2.38
C PRO A 225 0.14 -7.09 1.24
N ALA A 226 -0.34 -8.34 1.02
CA ALA A 226 0.14 -9.27 0.00
C ALA A 226 0.17 -8.65 -1.37
N ALA A 227 -0.75 -7.70 -1.63
CA ALA A 227 -0.86 -6.99 -2.90
C ALA A 227 0.39 -6.12 -3.16
N MET A 228 1.15 -5.76 -2.11
CA MET A 228 2.40 -5.01 -2.27
C MET A 228 3.55 -5.94 -2.63
N PHE A 229 3.42 -7.26 -2.34
CA PHE A 229 4.52 -8.21 -2.44
C PHE A 229 4.33 -9.41 -3.39
N ALA A 230 3.29 -10.23 -3.24
CA ALA A 230 3.04 -11.43 -4.07
C ALA A 230 2.94 -11.12 -5.59
N PRO A 231 2.27 -10.03 -6.08
CA PRO A 231 2.20 -9.82 -7.54
C PRO A 231 3.54 -9.53 -8.22
N GLN A 232 4.44 -8.74 -7.58
CA GLN A 232 5.77 -8.43 -8.15
C GLN A 232 6.66 -9.68 -8.18
N VAL A 233 6.29 -10.70 -7.38
CA VAL A 233 6.96 -11.99 -7.30
C VAL A 233 6.51 -12.83 -8.51
N ALA A 234 5.18 -12.90 -8.76
CA ALA A 234 4.55 -13.62 -9.88
C ALA A 234 5.05 -13.08 -11.25
N ALA A 235 5.25 -11.73 -11.33
CA ALA A 235 5.79 -10.99 -12.47
C ALA A 235 7.22 -11.45 -12.87
N ARG A 236 8.00 -12.00 -11.92
CA ARG A 236 9.35 -12.51 -12.15
C ARG A 236 9.28 -13.95 -12.63
N GLY A 237 8.08 -14.49 -12.64
CA GLY A 237 7.85 -15.88 -13.00
C GLY A 237 8.12 -16.86 -11.88
N VAL A 238 8.10 -16.37 -10.61
CA VAL A 238 8.30 -17.18 -9.40
C VAL A 238 6.93 -17.77 -8.95
N PRO A 239 6.85 -19.10 -8.67
CA PRO A 239 5.56 -19.67 -8.28
C PRO A 239 5.08 -19.09 -6.93
N VAL A 240 3.78 -18.74 -6.89
CA VAL A 240 3.07 -18.18 -5.76
C VAL A 240 1.94 -19.14 -5.41
N ALA A 241 1.79 -19.47 -4.13
CA ALA A 241 0.72 -20.35 -3.70
C ALA A 241 -0.11 -19.68 -2.60
N GLU A 242 -1.35 -19.33 -2.92
CA GLU A 242 -2.30 -18.74 -1.98
C GLU A 242 -2.95 -19.85 -1.14
N PHE A 243 -3.17 -19.56 0.15
CA PHE A 243 -3.83 -20.44 1.12
C PHE A 243 -4.80 -19.60 1.93
N ASN A 244 -6.12 -19.83 1.79
CA ASN A 244 -7.12 -19.03 2.54
C ASN A 244 -8.51 -19.71 2.64
N THR A 245 -9.38 -19.13 3.50
CA THR A 245 -10.77 -19.56 3.75
C THR A 245 -11.68 -19.35 2.50
N GLU A 246 -11.27 -18.49 1.53
CA GLU A 246 -11.99 -18.17 0.28
C GLU A 246 -11.65 -19.17 -0.82
N PHE A 254 4.16 -20.24 -11.93
CA PHE A 254 2.82 -20.79 -11.70
C PHE A 254 2.07 -20.06 -10.54
N ARG A 255 0.80 -20.42 -10.32
CA ARG A 255 -0.07 -19.88 -9.27
C ARG A 255 -0.96 -21.00 -8.76
N PHE A 256 -1.03 -21.15 -7.42
CA PHE A 256 -1.82 -22.17 -6.73
C PHE A 256 -2.83 -21.57 -5.79
N HIS A 257 -3.89 -22.33 -5.52
CA HIS A 257 -4.89 -21.93 -4.55
C HIS A 257 -5.31 -23.16 -3.75
N PHE A 258 -5.22 -23.04 -2.44
CA PHE A 258 -5.62 -24.10 -1.53
C PHE A 258 -6.63 -23.52 -0.58
N GLN A 259 -7.89 -23.96 -0.71
CA GLN A 259 -9.02 -23.47 0.06
C GLN A 259 -9.11 -24.17 1.41
N GLY A 260 -9.55 -23.42 2.42
CA GLY A 260 -9.73 -23.94 3.78
C GLY A 260 -8.87 -23.28 4.86
N PRO A 261 -9.13 -23.61 6.15
CA PRO A 261 -8.32 -23.05 7.25
C PRO A 261 -6.86 -23.46 7.10
N CYS A 262 -5.95 -22.51 7.23
CA CYS A 262 -4.51 -22.69 7.06
C CYS A 262 -3.93 -23.71 8.06
N GLY A 263 -4.60 -23.88 9.20
CA GLY A 263 -4.23 -24.88 10.20
C GLY A 263 -4.52 -26.30 9.76
N THR A 264 -5.26 -26.46 8.62
CA THR A 264 -5.62 -27.73 8.02
C THR A 264 -4.74 -28.00 6.80
N THR A 265 -4.59 -27.00 5.93
CA THR A 265 -3.87 -27.07 4.67
C THR A 265 -2.35 -26.96 4.79
N LEU A 266 -1.80 -26.11 5.70
CA LEU A 266 -0.35 -25.91 5.83
C LEU A 266 0.40 -27.12 6.41
N PRO A 267 -0.10 -27.86 7.45
CA PRO A 267 0.66 -29.04 7.92
C PRO A 267 0.91 -30.03 6.77
N GLU A 268 -0.12 -30.33 5.94
CA GLU A 268 0.00 -31.18 4.75
C GLU A 268 1.05 -30.61 3.75
N ALA A 269 0.86 -29.35 3.28
CA ALA A 269 1.69 -28.65 2.30
C ALA A 269 3.16 -28.51 2.71
N LEU A 270 3.44 -28.16 3.98
CA LEU A 270 4.79 -27.92 4.46
C LEU A 270 5.43 -29.13 5.18
N ALA A 271 4.85 -30.33 5.06
CA ALA A 271 5.33 -31.57 5.70
C ALA A 271 6.75 -31.93 5.31
N SER B 6 -16.17 -12.64 -20.30
CA SER B 6 -17.16 -12.25 -21.31
C SER B 6 -16.62 -11.18 -22.27
N SER B 7 -16.75 -11.41 -23.60
CA SER B 7 -16.27 -10.52 -24.66
C SER B 7 -17.43 -9.80 -25.38
N SER B 8 -18.64 -9.81 -24.77
CA SER B 8 -19.85 -9.20 -25.34
C SER B 8 -19.98 -7.71 -25.03
N MET B 9 -19.74 -6.87 -26.04
CA MET B 9 -19.88 -5.42 -25.93
C MET B 9 -21.33 -5.05 -25.81
N ALA B 10 -22.21 -5.79 -26.53
CA ALA B 10 -23.66 -5.62 -26.61
C ALA B 10 -24.37 -5.69 -25.22
N ASP B 11 -23.99 -6.69 -24.39
CA ASP B 11 -24.54 -6.84 -23.03
C ASP B 11 -23.93 -5.80 -22.08
N PHE B 12 -22.64 -5.47 -22.25
CA PHE B 12 -22.00 -4.43 -21.44
C PHE B 12 -22.76 -3.08 -21.60
N ARG B 13 -23.14 -2.70 -22.84
CA ARG B 13 -23.84 -1.42 -23.14
C ARG B 13 -25.23 -1.36 -22.48
N LYS B 14 -25.82 -2.55 -22.18
CA LYS B 14 -27.09 -2.66 -21.45
C LYS B 14 -26.89 -2.16 -20.00
N PHE B 15 -25.75 -2.55 -19.36
CA PHE B 15 -25.33 -2.11 -18.03
C PHE B 15 -24.97 -0.63 -18.02
N PHE B 16 -24.15 -0.21 -19.00
CA PHE B 16 -23.66 1.16 -19.14
C PHE B 16 -24.81 2.17 -19.22
N ALA B 17 -25.93 1.82 -19.85
CA ALA B 17 -27.08 2.72 -19.98
C ALA B 17 -27.83 2.88 -18.66
N LYS B 18 -27.88 1.80 -17.87
CA LYS B 18 -28.57 1.73 -16.59
C LYS B 18 -27.75 2.28 -15.41
N ALA B 19 -26.39 2.24 -15.53
CA ALA B 19 -25.42 2.65 -14.51
C ALA B 19 -25.47 4.16 -14.19
N LYS B 20 -25.78 4.47 -12.92
CA LYS B 20 -25.88 5.83 -12.40
C LYS B 20 -24.57 6.35 -11.72
N HIS B 21 -23.62 5.45 -11.39
CA HIS B 21 -22.33 5.77 -10.75
C HIS B 21 -21.26 4.83 -11.28
N ILE B 22 -20.47 5.30 -12.24
CA ILE B 22 -19.38 4.56 -12.88
C ILE B 22 -18.05 5.01 -12.29
N VAL B 23 -17.20 4.02 -11.89
CA VAL B 23 -15.84 4.26 -11.40
C VAL B 23 -14.89 3.70 -12.48
N ILE B 24 -13.97 4.54 -12.96
CA ILE B 24 -13.00 4.18 -14.00
C ILE B 24 -11.64 4.19 -13.38
N ILE B 25 -10.96 3.04 -13.44
CA ILE B 25 -9.63 2.88 -12.91
C ILE B 25 -8.67 2.93 -14.07
N SER B 26 -7.83 3.95 -14.07
CA SER B 26 -6.89 4.17 -15.14
C SER B 26 -5.49 3.81 -14.69
N GLY B 27 -4.85 2.95 -15.49
CA GLY B 27 -3.49 2.51 -15.28
C GLY B 27 -2.46 3.08 -16.25
N ALA B 28 -1.23 2.62 -16.11
CA ALA B 28 -0.09 3.05 -16.91
C ALA B 28 -0.27 2.77 -18.45
N GLY B 29 -1.13 1.80 -18.78
CA GLY B 29 -1.46 1.41 -20.15
C GLY B 29 -2.06 2.54 -20.95
N VAL B 30 -2.90 3.39 -20.28
CA VAL B 30 -3.52 4.58 -20.90
C VAL B 30 -2.43 5.62 -21.25
N SER B 31 -1.47 5.83 -20.31
CA SER B 31 -0.32 6.73 -20.41
C SER B 31 0.66 6.27 -21.50
N ALA B 32 0.92 4.96 -21.59
CA ALA B 32 1.84 4.36 -22.57
C ALA B 32 1.35 4.57 -24.02
N GLU B 33 0.02 4.52 -24.23
CA GLU B 33 -0.63 4.73 -25.53
C GLU B 33 -0.47 6.16 -26.03
N SER B 34 -0.05 7.08 -25.15
CA SER B 34 0.21 8.48 -25.49
C SER B 34 1.75 8.71 -25.59
N GLY B 35 2.51 7.62 -25.55
CA GLY B 35 3.96 7.65 -25.64
C GLY B 35 4.62 8.17 -24.37
N VAL B 36 4.02 7.89 -23.22
CA VAL B 36 4.55 8.36 -21.96
C VAL B 36 5.55 7.33 -21.44
N PRO B 37 6.79 7.76 -21.12
CA PRO B 37 7.75 6.85 -20.48
C PRO B 37 7.22 6.42 -19.12
N THR B 38 6.62 5.23 -19.10
CA THR B 38 6.10 4.53 -17.93
C THR B 38 7.32 3.86 -17.31
N PHE B 39 7.80 4.35 -16.16
CA PHE B 39 9.01 3.80 -15.61
C PHE B 39 8.71 2.54 -14.80
N ARG B 40 8.03 1.59 -15.47
CA ARG B 40 7.65 0.29 -14.96
C ARG B 40 8.09 -0.77 -15.97
N GLY B 41 8.38 -1.97 -15.46
CA GLY B 41 8.83 -3.11 -16.25
C GLY B 41 10.18 -2.88 -16.91
N ALA B 42 10.34 -3.36 -18.15
CA ALA B 42 11.59 -3.23 -18.92
C ALA B 42 12.09 -1.76 -19.07
N GLY B 43 11.18 -0.79 -19.10
CA GLY B 43 11.51 0.63 -19.19
C GLY B 43 11.67 1.33 -17.84
N GLY B 44 11.74 0.53 -16.77
CA GLY B 44 11.87 1.03 -15.41
C GLY B 44 13.27 1.46 -15.05
N TYR B 45 13.95 2.17 -15.98
CA TYR B 45 15.34 2.61 -15.84
C TYR B 45 15.56 4.04 -16.30
N TRP B 46 16.39 4.76 -15.54
CA TRP B 46 16.89 6.09 -15.83
C TRP B 46 18.37 6.03 -15.48
N ARG B 47 19.22 6.03 -16.52
CA ARG B 47 20.68 5.93 -16.43
C ARG B 47 21.09 4.54 -15.82
N LYS B 48 22.01 4.52 -14.83
CA LYS B 48 22.53 3.30 -14.20
C LYS B 48 21.61 2.80 -13.07
N TRP B 49 20.42 3.42 -12.91
CA TRP B 49 19.49 3.10 -11.83
C TRP B 49 18.07 2.79 -12.30
N GLN B 50 17.39 1.96 -11.48
CA GLN B 50 15.99 1.54 -11.66
C GLN B 50 15.09 2.63 -11.06
N ALA B 51 13.92 2.89 -11.66
CA ALA B 51 12.96 3.87 -11.17
C ALA B 51 12.56 3.59 -9.72
N GLN B 52 12.51 2.29 -9.35
CA GLN B 52 12.21 1.80 -8.03
C GLN B 52 13.22 2.32 -7.01
N ASP B 53 14.51 2.48 -7.44
CA ASP B 53 15.63 2.93 -6.62
C ASP B 53 15.66 4.45 -6.49
N LEU B 54 15.06 5.20 -7.44
CA LEU B 54 15.06 6.67 -7.42
C LEU B 54 13.82 7.25 -6.73
N ALA B 55 12.67 6.59 -6.86
CA ALA B 55 11.43 7.06 -6.26
C ALA B 55 11.27 6.59 -4.80
N THR B 56 12.19 6.99 -3.90
CA THR B 56 12.15 6.59 -2.47
C THR B 56 12.57 7.74 -1.53
N PRO B 57 11.98 7.80 -0.31
CA PRO B 57 12.41 8.84 0.67
C PRO B 57 13.92 8.80 0.99
N LEU B 58 14.52 7.58 1.06
CA LEU B 58 15.95 7.36 1.32
C LEU B 58 16.79 7.88 0.17
N ALA B 59 16.40 7.62 -1.10
CA ALA B 59 17.13 8.13 -2.26
C ALA B 59 17.15 9.67 -2.29
N PHE B 60 15.98 10.33 -1.99
CA PHE B 60 15.89 11.79 -1.93
C PHE B 60 16.73 12.36 -0.79
N ALA B 61 16.91 11.59 0.31
CA ALA B 61 17.70 12.00 1.46
C ALA B 61 19.20 11.96 1.16
N HIS B 62 19.66 10.89 0.49
CA HIS B 62 21.08 10.73 0.15
C HIS B 62 21.47 11.60 -1.05
N ASN B 63 20.64 11.63 -2.14
CA ASN B 63 20.97 12.45 -3.30
C ASN B 63 19.72 13.16 -3.88
N PRO B 64 19.29 14.30 -3.30
CA PRO B 64 18.06 14.96 -3.81
C PRO B 64 18.22 15.52 -5.24
N SER B 65 19.46 15.89 -5.64
CA SER B 65 19.82 16.40 -6.97
C SER B 65 19.59 15.31 -8.05
N ARG B 66 19.93 14.04 -7.74
CA ARG B 66 19.78 12.94 -8.68
C ARG B 66 18.30 12.59 -8.84
N VAL B 67 17.53 12.61 -7.74
CA VAL B 67 16.09 12.37 -7.74
C VAL B 67 15.42 13.55 -8.48
N TRP B 68 15.97 14.76 -8.33
CA TRP B 68 15.43 15.93 -9.03
C TRP B 68 15.71 15.90 -10.52
N GLU B 69 16.89 15.38 -10.93
CA GLU B 69 17.30 15.24 -12.33
C GLU B 69 16.36 14.29 -13.05
N PHE B 70 15.97 13.20 -12.35
CA PHE B 70 15.07 12.15 -12.83
C PHE B 70 13.65 12.68 -12.94
N TYR B 71 13.14 13.42 -11.93
CA TYR B 71 11.79 13.97 -11.94
C TYR B 71 11.66 15.14 -12.90
N HIS B 72 12.74 15.92 -13.13
CA HIS B 72 12.79 17.02 -14.09
C HIS B 72 12.67 16.43 -15.51
N TYR B 73 13.36 15.32 -15.75
CA TYR B 73 13.25 14.62 -17.03
C TYR B 73 11.79 14.20 -17.33
N ARG B 74 11.12 13.59 -16.34
CA ARG B 74 9.73 13.13 -16.42
C ARG B 74 8.75 14.31 -16.68
N ARG B 75 8.98 15.46 -16.02
CA ARG B 75 8.16 16.66 -16.23
C ARG B 75 8.35 17.17 -17.66
N GLU B 76 9.61 17.21 -18.14
CA GLU B 76 9.98 17.72 -19.46
C GLU B 76 9.53 16.84 -20.63
N VAL B 77 9.50 15.49 -20.47
CA VAL B 77 9.05 14.61 -21.57
C VAL B 77 7.57 14.85 -21.91
N MET B 78 6.78 15.36 -20.96
CA MET B 78 5.35 15.61 -21.15
C MET B 78 5.03 16.74 -22.13
N GLY B 79 6.00 17.62 -22.42
CA GLY B 79 5.84 18.73 -23.35
C GLY B 79 5.25 18.30 -24.67
N SER B 80 5.86 17.28 -25.28
CA SER B 80 5.50 16.71 -26.59
C SER B 80 4.31 15.71 -26.56
N LYS B 81 3.70 15.48 -25.35
CA LYS B 81 2.65 14.47 -25.19
C LYS B 81 1.26 15.05 -25.15
N GLU B 82 0.38 14.36 -25.87
CA GLU B 82 -1.03 14.67 -26.06
C GLU B 82 -1.89 13.58 -25.49
N THR B 83 -3.08 13.98 -25.11
CA THR B 83 -4.13 13.11 -24.62
C THR B 83 -4.62 12.19 -25.80
N ASN B 84 -4.83 10.87 -25.56
CA ASN B 84 -5.27 9.93 -26.59
C ASN B 84 -6.81 9.73 -26.63
N ALA B 85 -7.32 9.01 -27.67
CA ALA B 85 -8.75 8.70 -27.88
C ALA B 85 -9.39 8.08 -26.64
N GLY B 86 -8.62 7.29 -25.86
CA GLY B 86 -9.09 6.70 -24.62
C GLY B 86 -9.41 7.77 -23.59
N HIS B 87 -8.42 8.66 -23.28
CA HIS B 87 -8.63 9.79 -22.37
C HIS B 87 -9.83 10.62 -22.78
N ARG B 88 -9.85 11.05 -24.09
CA ARG B 88 -10.92 11.86 -24.70
C ARG B 88 -12.31 11.22 -24.51
N ALA B 89 -12.41 9.89 -24.81
CA ALA B 89 -13.64 9.10 -24.69
C ALA B 89 -14.10 9.07 -23.25
N ILE B 90 -13.15 9.00 -22.28
CA ILE B 90 -13.42 8.99 -20.84
C ILE B 90 -13.95 10.39 -20.41
N ALA B 91 -13.26 11.48 -20.82
CA ALA B 91 -13.63 12.88 -20.52
C ALA B 91 -15.02 13.23 -21.07
N GLU B 92 -15.31 12.86 -22.35
CA GLU B 92 -16.60 13.12 -23.05
C GLU B 92 -17.75 12.39 -22.38
N CYS B 93 -17.48 11.19 -21.85
CA CYS B 93 -18.45 10.32 -21.17
C CYS B 93 -18.93 10.99 -19.86
N GLU B 94 -17.99 11.45 -19.05
CA GLU B 94 -18.23 12.13 -17.79
C GLU B 94 -19.06 13.40 -18.01
N THR B 95 -18.81 14.17 -19.10
CA THR B 95 -19.57 15.39 -19.44
C THR B 95 -21.06 15.04 -19.76
N ARG B 96 -21.28 14.13 -20.73
CA ARG B 96 -22.60 13.69 -21.16
C ARG B 96 -23.45 13.19 -19.99
N LEU B 97 -23.02 12.09 -19.33
CA LEU B 97 -23.69 11.46 -18.17
C LEU B 97 -23.86 12.44 -16.99
N GLY B 98 -23.00 13.47 -16.92
CA GLY B 98 -23.08 14.53 -15.93
C GLY B 98 -24.31 15.38 -16.12
N LYS B 99 -24.64 15.71 -17.40
CA LYS B 99 -25.81 16.50 -17.78
C LYS B 99 -27.11 15.70 -17.54
N GLN B 100 -27.00 14.36 -17.35
CA GLN B 100 -28.10 13.42 -17.09
C GLN B 100 -28.29 13.15 -15.57
N GLY B 101 -27.46 13.79 -14.73
CA GLY B 101 -27.51 13.60 -13.30
C GLY B 101 -26.90 12.27 -12.83
N ARG B 102 -26.03 11.70 -13.69
CA ARG B 102 -25.32 10.44 -13.44
C ARG B 102 -23.85 10.75 -13.18
N ARG B 103 -23.16 9.85 -12.45
CA ARG B 103 -21.76 10.09 -12.06
C ARG B 103 -20.74 9.18 -12.75
N VAL B 104 -19.64 9.80 -13.16
CA VAL B 104 -18.44 9.20 -13.76
C VAL B 104 -17.25 9.80 -12.99
N VAL B 105 -16.38 8.93 -12.46
CA VAL B 105 -15.19 9.36 -11.73
C VAL B 105 -14.00 8.47 -12.17
N VAL B 106 -12.80 9.08 -12.28
CA VAL B 106 -11.57 8.46 -12.73
C VAL B 106 -10.64 8.36 -11.55
N ILE B 107 -10.23 7.13 -11.17
CA ILE B 107 -9.26 6.85 -10.13
C ILE B 107 -8.03 6.40 -10.87
N THR B 108 -6.88 7.03 -10.61
CA THR B 108 -5.65 6.74 -11.35
C THR B 108 -4.45 7.00 -10.46
N GLN B 109 -3.34 6.35 -10.76
CA GLN B 109 -2.12 6.64 -10.03
C GLN B 109 -1.05 7.20 -11.00
N ASN B 110 -1.52 7.49 -12.25
CA ASN B 110 -0.76 8.17 -13.32
C ASN B 110 -0.56 9.59 -12.85
N ILE B 111 0.68 10.03 -12.87
CA ILE B 111 1.10 11.31 -12.34
C ILE B 111 1.40 12.32 -13.46
N ASP B 112 0.92 12.04 -14.71
CA ASP B 112 1.21 12.82 -15.92
C ASP B 112 0.14 13.85 -16.33
N GLU B 113 -1.04 13.84 -15.69
CA GLU B 113 -2.15 14.80 -15.89
C GLU B 113 -2.81 14.78 -17.29
N LEU B 114 -2.66 13.69 -18.05
CA LEU B 114 -3.28 13.59 -19.37
C LEU B 114 -4.83 13.47 -19.28
N HIS B 115 -5.38 13.03 -18.12
CA HIS B 115 -6.83 13.01 -17.91
C HIS B 115 -7.32 14.42 -17.65
N ARG B 116 -6.46 15.26 -17.05
CA ARG B 116 -6.78 16.65 -16.73
C ARG B 116 -6.77 17.47 -18.03
N LYS B 117 -5.76 17.24 -18.90
CA LYS B 117 -5.65 17.93 -20.18
C LYS B 117 -6.80 17.53 -21.11
N ALA B 118 -7.34 16.29 -20.93
CA ALA B 118 -8.47 15.72 -21.69
C ALA B 118 -9.77 16.36 -21.34
N GLY B 119 -9.94 16.73 -20.07
CA GLY B 119 -11.20 17.30 -19.59
C GLY B 119 -11.90 16.48 -18.51
N THR B 120 -11.17 15.60 -17.79
CA THR B 120 -11.76 14.87 -16.67
C THR B 120 -11.84 15.86 -15.48
N LYS B 121 -13.00 15.88 -14.78
CA LYS B 121 -13.21 16.78 -13.63
C LYS B 121 -13.15 15.95 -12.35
N ASN B 122 -13.93 14.88 -12.27
CA ASN B 122 -13.94 13.94 -11.15
C ASN B 122 -12.77 13.01 -11.36
N LEU B 123 -11.57 13.53 -11.05
CA LEU B 123 -10.26 12.89 -11.17
C LEU B 123 -9.64 12.69 -9.79
N LEU B 124 -9.40 11.44 -9.41
CA LEU B 124 -8.75 11.08 -8.15
C LEU B 124 -7.36 10.56 -8.48
N GLU B 125 -6.34 11.41 -8.28
CA GLU B 125 -4.95 11.05 -8.54
C GLU B 125 -4.36 10.59 -7.22
N ILE B 126 -4.47 9.28 -6.97
CA ILE B 126 -4.06 8.63 -5.73
C ILE B 126 -2.53 8.71 -5.48
N HIS B 127 -1.71 9.00 -6.51
CA HIS B 127 -0.27 9.05 -6.34
C HIS B 127 0.32 10.46 -6.56
N GLY B 128 -0.52 11.48 -6.58
CA GLY B 128 -0.10 12.85 -6.79
C GLY B 128 0.18 13.19 -8.25
N SER B 129 1.00 14.23 -8.46
CA SER B 129 1.30 14.76 -9.77
C SER B 129 2.78 15.23 -9.93
N LEU B 130 3.33 15.05 -11.14
CA LEU B 130 4.66 15.54 -11.57
C LEU B 130 4.68 17.06 -11.56
N PHE B 131 3.50 17.69 -11.72
CA PHE B 131 3.36 19.13 -11.82
C PHE B 131 2.81 19.73 -10.51
N LYS B 132 3.21 19.11 -9.40
CA LYS B 132 2.89 19.51 -8.04
C LYS B 132 4.11 19.31 -7.16
N THR B 133 4.40 20.30 -6.31
CA THR B 133 5.51 20.24 -5.37
C THR B 133 4.99 20.17 -3.95
N ARG B 134 5.87 19.82 -3.03
CA ARG B 134 5.60 19.79 -1.59
C ARG B 134 6.87 20.24 -0.88
N CYS B 135 6.75 21.21 0.03
CA CYS B 135 7.90 21.68 0.78
C CYS B 135 8.20 20.69 1.88
N THR B 136 9.44 20.21 1.93
CA THR B 136 9.87 19.24 2.95
C THR B 136 9.93 19.91 4.32
N SER B 137 9.85 21.25 4.35
CA SER B 137 9.97 22.05 5.57
C SER B 137 8.57 22.51 6.10
N CYS B 138 7.79 23.26 5.31
CA CYS B 138 6.48 23.80 5.75
C CYS B 138 5.27 22.93 5.29
N GLY B 139 5.51 21.94 4.42
CA GLY B 139 4.48 21.05 3.90
C GLY B 139 3.50 21.60 2.85
N VAL B 140 3.70 22.83 2.35
CA VAL B 140 2.78 23.41 1.38
C VAL B 140 2.88 22.66 0.05
N VAL B 141 1.70 22.41 -0.57
CA VAL B 141 1.52 21.76 -1.87
C VAL B 141 1.16 22.85 -2.89
N ALA B 142 1.88 22.88 -4.01
CA ALA B 142 1.66 23.90 -5.03
C ALA B 142 1.77 23.35 -6.44
N GLU B 143 0.97 23.91 -7.35
CA GLU B 143 1.00 23.59 -8.78
C GLU B 143 2.28 24.19 -9.34
N ASN B 144 3.03 23.40 -10.13
CA ASN B 144 4.26 23.84 -10.74
C ASN B 144 4.41 23.21 -12.11
N TYR B 145 4.34 24.06 -13.14
CA TYR B 145 4.48 23.69 -14.54
C TYR B 145 5.65 24.42 -15.16
N LYS B 146 6.37 25.28 -14.37
CA LYS B 146 7.54 26.06 -14.82
C LYS B 146 8.58 25.13 -15.50
N SER B 147 9.12 25.53 -16.70
CA SER B 147 10.09 24.71 -17.44
C SER B 147 11.43 25.44 -17.74
N PRO B 148 12.54 25.07 -17.07
CA PRO B 148 12.71 24.06 -16.01
C PRO B 148 12.08 24.48 -14.68
N ILE B 149 12.01 23.55 -13.69
CA ILE B 149 11.46 23.85 -12.36
C ILE B 149 12.37 24.91 -11.65
N CYS B 150 13.70 24.86 -11.94
CA CYS B 150 14.68 25.83 -11.41
C CYS B 150 15.87 25.96 -12.39
N PRO B 151 16.52 27.16 -12.43
CA PRO B 151 17.61 27.43 -13.40
C PRO B 151 18.79 26.48 -13.42
N ALA B 152 19.06 25.80 -12.29
CA ALA B 152 20.18 24.83 -12.15
C ALA B 152 19.89 23.54 -12.90
N LEU B 153 18.61 23.31 -13.24
CA LEU B 153 18.18 22.13 -13.97
C LEU B 153 18.01 22.41 -15.47
N SER B 154 18.42 23.59 -15.92
CA SER B 154 18.40 23.96 -17.34
C SER B 154 19.37 23.02 -18.12
N GLY B 155 18.82 22.30 -19.08
CA GLY B 155 19.59 21.36 -19.90
C GLY B 155 20.04 20.11 -19.18
N LYS B 156 19.41 19.78 -18.04
CA LYS B 156 19.80 18.61 -17.27
C LYS B 156 18.73 17.49 -17.36
N GLY B 157 19.03 16.36 -16.72
CA GLY B 157 18.13 15.21 -16.66
C GLY B 157 18.12 14.24 -17.82
N ALA B 158 19.21 14.19 -18.63
CA ALA B 158 19.31 13.26 -19.77
C ALA B 158 19.19 11.78 -19.32
N PRO B 159 18.39 10.96 -20.07
CA PRO B 159 18.16 9.57 -19.63
C PRO B 159 19.34 8.59 -19.79
N GLU B 160 20.26 8.83 -20.77
CA GLU B 160 21.40 7.97 -21.17
C GLU B 160 22.32 7.59 -20.02
N PRO B 161 22.78 6.32 -19.91
CA PRO B 161 23.71 5.99 -18.81
C PRO B 161 25.09 6.58 -19.08
N GLY B 162 25.86 6.79 -18.01
CA GLY B 162 27.19 7.39 -18.12
C GLY B 162 27.18 8.90 -17.95
N THR B 163 26.02 9.55 -18.26
CA THR B 163 25.76 10.99 -18.13
C THR B 163 26.18 11.45 -16.75
N GLN B 164 27.02 12.50 -16.71
CA GLN B 164 27.51 13.07 -15.47
C GLN B 164 26.34 13.56 -14.61
N ASP B 165 26.47 13.37 -13.29
CA ASP B 165 25.49 13.85 -12.33
C ASP B 165 25.60 15.36 -12.34
N ALA B 166 24.47 16.08 -12.53
CA ALA B 166 24.43 17.55 -12.49
C ALA B 166 25.14 18.10 -11.24
N SER B 167 25.10 17.33 -10.12
CA SER B 167 25.68 17.63 -8.81
C SER B 167 25.33 19.07 -8.37
N ILE B 168 24.02 19.28 -8.13
CA ILE B 168 23.52 20.59 -7.77
C ILE B 168 23.48 20.68 -6.25
N PRO B 169 24.03 21.75 -5.64
CA PRO B 169 23.94 21.85 -4.18
C PRO B 169 22.47 22.08 -3.80
N VAL B 170 22.03 21.57 -2.63
CA VAL B 170 20.63 21.64 -2.17
C VAL B 170 20.03 23.03 -2.30
N GLU B 171 20.82 24.08 -2.03
CA GLU B 171 20.37 25.48 -2.11
C GLU B 171 19.91 25.85 -3.52
N LYS B 172 20.59 25.32 -4.55
CA LYS B 172 20.27 25.63 -5.95
C LYS B 172 19.16 24.70 -6.52
N LEU B 173 18.70 23.68 -5.75
CA LEU B 173 17.60 22.76 -6.16
C LEU B 173 16.24 23.48 -5.95
N PRO B 174 15.05 22.94 -6.38
CA PRO B 174 13.79 23.68 -6.15
C PRO B 174 13.53 24.00 -4.67
N ARG B 175 13.30 25.30 -4.37
CA ARG B 175 13.05 25.83 -3.03
C ARG B 175 11.69 26.48 -2.94
N CYS B 176 11.11 26.48 -1.73
CA CYS B 176 9.81 27.04 -1.35
C CYS B 176 9.82 28.57 -1.45
N GLU B 177 8.93 29.12 -2.28
CA GLU B 177 8.79 30.55 -2.54
C GLU B 177 7.89 31.24 -1.48
N GLU B 178 7.44 30.48 -0.44
CA GLU B 178 6.67 31.03 0.70
C GLU B 178 7.58 31.92 1.52
N ALA B 179 7.03 33.05 1.98
CA ALA B 179 7.75 34.07 2.74
C ALA B 179 8.38 33.51 4.01
N GLY B 180 9.72 33.52 4.01
CA GLY B 180 10.55 33.08 5.13
C GLY B 180 10.66 31.59 5.32
N CYS B 181 10.47 30.81 4.24
CA CYS B 181 10.58 29.36 4.34
C CYS B 181 11.88 28.91 3.67
N GLY B 182 11.91 28.97 2.34
CA GLY B 182 13.08 28.58 1.55
C GLY B 182 13.48 27.13 1.64
N GLY B 183 12.61 26.31 2.20
CA GLY B 183 12.82 24.87 2.35
C GLY B 183 12.93 24.13 1.05
N LEU B 184 13.61 22.98 1.09
CA LEU B 184 13.85 22.13 -0.07
C LEU B 184 12.52 21.50 -0.55
N LEU B 185 12.17 21.74 -1.83
CA LEU B 185 10.96 21.17 -2.39
C LEU B 185 11.22 19.75 -2.85
N ARG B 186 10.16 18.96 -2.87
CA ARG B 186 10.17 17.58 -3.37
C ARG B 186 8.97 17.43 -4.30
N PRO B 187 8.97 16.50 -5.29
CA PRO B 187 7.75 16.34 -6.11
C PRO B 187 6.65 15.75 -5.24
N HIS B 188 5.40 16.23 -5.44
CA HIS B 188 4.20 15.79 -4.74
C HIS B 188 3.69 14.49 -5.40
N VAL B 189 4.51 13.43 -5.29
CA VAL B 189 4.24 12.07 -5.77
C VAL B 189 4.46 11.07 -4.62
N VAL B 190 3.61 10.04 -4.52
CA VAL B 190 3.78 8.97 -3.54
C VAL B 190 5.00 8.15 -3.97
N TRP B 191 6.01 8.05 -3.09
CA TRP B 191 7.21 7.27 -3.40
C TRP B 191 7.04 5.84 -2.91
N PHE B 192 8.03 4.97 -3.17
CA PHE B 192 7.98 3.58 -2.72
C PHE B 192 8.14 3.50 -1.18
N GLY B 193 7.18 2.83 -0.55
CA GLY B 193 7.14 2.68 0.90
C GLY B 193 6.38 3.78 1.60
N GLU B 194 5.81 4.70 0.80
CA GLU B 194 5.03 5.83 1.29
C GLU B 194 3.56 5.50 1.17
N ASN B 195 2.78 5.88 2.17
CA ASN B 195 1.35 5.65 2.16
C ASN B 195 0.64 6.75 1.40
N LEU B 196 -0.58 6.45 0.99
CA LEU B 196 -1.40 7.41 0.30
C LEU B 196 -1.98 8.40 1.32
N ASP B 197 -2.40 9.58 0.84
CA ASP B 197 -3.07 10.58 1.68
C ASP B 197 -4.39 9.96 2.21
N PRO B 198 -4.63 9.98 3.55
CA PRO B 198 -5.87 9.39 4.08
C PRO B 198 -7.15 10.05 3.53
N ALA B 199 -7.07 11.33 3.14
CA ALA B 199 -8.20 12.06 2.54
C ALA B 199 -8.53 11.48 1.14
N ILE B 200 -7.49 11.15 0.34
CA ILE B 200 -7.64 10.56 -1.00
C ILE B 200 -8.23 9.15 -0.86
N LEU B 201 -7.72 8.34 0.08
CA LEU B 201 -8.18 6.96 0.36
C LEU B 201 -9.66 6.92 0.85
N GLU B 202 -10.07 7.91 1.65
CA GLU B 202 -11.45 8.07 2.13
C GLU B 202 -12.37 8.24 0.93
N GLU B 203 -12.08 9.27 0.10
CA GLU B 203 -12.77 9.60 -1.16
C GLU B 203 -12.86 8.38 -2.07
N VAL B 204 -11.72 7.62 -2.22
CA VAL B 204 -11.61 6.41 -3.05
C VAL B 204 -12.57 5.33 -2.52
N ASP B 205 -12.45 4.94 -1.23
CA ASP B 205 -13.31 3.93 -0.62
C ASP B 205 -14.78 4.34 -0.68
N ARG B 206 -15.07 5.63 -0.65
CA ARG B 206 -16.43 6.14 -0.78
C ARG B 206 -16.94 5.89 -2.20
N GLU B 207 -16.10 6.13 -3.23
CA GLU B 207 -16.50 5.92 -4.63
C GLU B 207 -16.84 4.46 -4.90
N LEU B 208 -15.89 3.54 -4.61
CA LEU B 208 -16.02 2.08 -4.79
C LEU B 208 -17.21 1.48 -4.03
N ALA B 209 -17.67 2.14 -2.95
CA ALA B 209 -18.80 1.64 -2.15
C ALA B 209 -20.14 2.04 -2.74
N HIS B 210 -20.19 3.16 -3.50
CA HIS B 210 -21.43 3.67 -4.08
C HIS B 210 -21.63 3.38 -5.55
N CYS B 211 -20.60 2.90 -6.27
CA CYS B 211 -20.72 2.69 -7.71
C CYS B 211 -21.55 1.44 -8.05
N ASP B 212 -22.26 1.49 -9.21
CA ASP B 212 -23.10 0.41 -9.73
C ASP B 212 -22.50 -0.23 -11.01
N LEU B 213 -21.35 0.30 -11.46
CA LEU B 213 -20.56 -0.16 -12.61
C LEU B 213 -19.15 0.33 -12.41
N CYS B 214 -18.18 -0.53 -12.71
CA CYS B 214 -16.76 -0.25 -12.55
C CYS B 214 -15.99 -0.68 -13.78
N LEU B 215 -15.11 0.19 -14.28
CA LEU B 215 -14.25 -0.13 -15.43
C LEU B 215 -12.81 -0.05 -15.00
N VAL B 216 -12.00 -1.01 -15.46
CA VAL B 216 -10.57 -1.02 -15.18
C VAL B 216 -9.85 -0.98 -16.57
N VAL B 217 -9.02 0.07 -16.82
CA VAL B 217 -8.32 0.26 -18.11
C VAL B 217 -6.79 0.37 -17.93
N GLY B 218 -6.06 -0.37 -18.76
CA GLY B 218 -4.61 -0.39 -18.85
C GLY B 218 -3.82 -0.59 -17.57
N THR B 219 -4.31 -1.46 -16.67
CA THR B 219 -3.65 -1.74 -15.39
C THR B 219 -2.86 -3.05 -15.44
N VAL B 223 0.65 -3.40 -10.50
CA VAL B 223 1.23 -2.35 -9.66
C VAL B 223 0.19 -1.86 -8.60
N TYR B 224 0.65 -1.86 -7.36
CA TYR B 224 -0.08 -1.54 -6.14
C TYR B 224 -0.23 0.01 -5.95
N PRO B 225 -1.28 0.54 -5.25
CA PRO B 225 -2.45 -0.12 -4.65
C PRO B 225 -3.67 -0.28 -5.59
N ALA B 226 -3.63 0.34 -6.80
CA ALA B 226 -4.71 0.38 -7.77
C ALA B 226 -5.27 -1.01 -8.15
N ALA B 227 -4.40 -2.01 -8.33
CA ALA B 227 -4.87 -3.36 -8.70
C ALA B 227 -5.81 -4.02 -7.64
N MET B 228 -6.07 -3.35 -6.49
CA MET B 228 -6.91 -3.83 -5.38
C MET B 228 -8.33 -3.34 -5.46
N PHE B 229 -8.54 -2.19 -6.11
CA PHE B 229 -9.81 -1.47 -6.19
C PHE B 229 -10.87 -2.25 -6.98
N ALA B 230 -10.58 -2.73 -8.20
CA ALA B 230 -11.57 -3.48 -8.99
C ALA B 230 -11.98 -4.82 -8.30
N PRO B 231 -11.08 -5.66 -7.73
CA PRO B 231 -11.55 -6.90 -7.06
C PRO B 231 -12.50 -6.67 -5.88
N GLN B 232 -12.34 -5.54 -5.14
CA GLN B 232 -13.20 -5.30 -3.99
C GLN B 232 -14.62 -4.86 -4.41
N VAL B 233 -14.75 -4.29 -5.60
CA VAL B 233 -15.99 -3.87 -6.21
C VAL B 233 -16.74 -5.13 -6.72
N ALA B 234 -15.98 -6.10 -7.33
CA ALA B 234 -16.50 -7.38 -7.84
C ALA B 234 -17.09 -8.21 -6.68
N ALA B 235 -16.40 -8.18 -5.52
CA ALA B 235 -16.77 -8.83 -4.25
C ALA B 235 -18.17 -8.43 -3.75
N ARG B 236 -18.60 -7.18 -4.06
CA ARG B 236 -19.92 -6.64 -3.69
C ARG B 236 -20.96 -7.00 -4.73
N GLY B 237 -20.55 -7.73 -5.76
CA GLY B 237 -21.43 -8.14 -6.85
C GLY B 237 -21.72 -7.05 -7.88
N VAL B 238 -20.84 -6.02 -7.96
CA VAL B 238 -20.98 -4.93 -8.92
C VAL B 238 -20.25 -5.32 -10.25
N PRO B 239 -20.89 -5.12 -11.44
CA PRO B 239 -20.21 -5.50 -12.69
C PRO B 239 -18.94 -4.67 -12.93
N VAL B 240 -17.86 -5.39 -13.29
CA VAL B 240 -16.54 -4.86 -13.59
C VAL B 240 -16.22 -5.20 -15.04
N ALA B 241 -15.78 -4.22 -15.84
CA ALA B 241 -15.38 -4.40 -17.21
C ALA B 241 -13.94 -4.06 -17.31
N GLU B 242 -13.10 -5.04 -17.67
CA GLU B 242 -11.65 -4.91 -17.85
C GLU B 242 -11.31 -4.62 -19.32
N PHE B 243 -10.58 -3.53 -19.58
CA PHE B 243 -10.10 -3.14 -20.91
C PHE B 243 -8.62 -3.16 -20.83
N ASN B 244 -7.94 -4.02 -21.61
CA ASN B 244 -6.47 -4.13 -21.56
C ASN B 244 -5.85 -4.84 -22.80
N THR B 245 -4.55 -5.27 -22.65
CA THR B 245 -3.61 -5.98 -23.54
C THR B 245 -3.75 -5.54 -24.99
N PHE B 254 -21.40 -9.23 -13.32
CA PHE B 254 -20.95 -9.61 -14.66
C PHE B 254 -19.56 -9.00 -14.98
N ARG B 255 -18.52 -9.85 -15.00
CA ARG B 255 -17.14 -9.50 -15.32
C ARG B 255 -16.98 -9.61 -16.84
N PHE B 256 -16.38 -8.56 -17.43
CA PHE B 256 -16.13 -8.43 -18.86
C PHE B 256 -14.66 -8.27 -19.17
N HIS B 257 -14.26 -8.63 -20.38
CA HIS B 257 -12.91 -8.43 -20.85
C HIS B 257 -12.95 -7.98 -22.30
N PHE B 258 -12.29 -6.85 -22.56
CA PHE B 258 -12.22 -6.30 -23.89
C PHE B 258 -10.75 -6.11 -24.22
N GLN B 259 -10.25 -6.92 -25.15
CA GLN B 259 -8.85 -6.91 -25.56
C GLN B 259 -8.59 -5.83 -26.61
N GLY B 260 -7.40 -5.23 -26.55
CA GLY B 260 -6.98 -4.19 -27.49
C GLY B 260 -6.67 -2.83 -26.88
N PRO B 261 -6.09 -1.91 -27.70
CA PRO B 261 -5.78 -0.56 -27.20
C PRO B 261 -7.05 0.17 -26.75
N CYS B 262 -7.00 0.77 -25.56
N CYS B 262 -6.99 0.79 -25.56
CA CYS B 262 -8.10 1.50 -24.91
CA CYS B 262 -8.12 1.50 -24.92
C CYS B 262 -8.66 2.59 -25.82
C CYS B 262 -8.67 2.61 -25.83
N GLY B 263 -7.80 3.18 -26.64
CA GLY B 263 -8.16 4.23 -27.60
C GLY B 263 -9.03 3.71 -28.75
N THR B 264 -9.16 2.36 -28.86
CA THR B 264 -9.97 1.67 -29.87
C THR B 264 -11.27 1.18 -29.26
N THR B 265 -11.17 0.53 -28.08
CA THR B 265 -12.28 -0.09 -27.37
C THR B 265 -13.16 0.86 -26.57
N LEU B 266 -12.59 1.92 -25.91
CA LEU B 266 -13.38 2.85 -25.09
C LEU B 266 -14.31 3.78 -25.90
N PRO B 267 -13.92 4.37 -27.08
CA PRO B 267 -14.89 5.19 -27.82
C PRO B 267 -16.18 4.40 -28.14
N GLU B 268 -16.05 3.15 -28.61
CA GLU B 268 -17.20 2.26 -28.86
C GLU B 268 -18.03 2.01 -27.59
N ALA B 269 -17.39 1.50 -26.50
CA ALA B 269 -18.01 1.17 -25.21
C ALA B 269 -18.72 2.34 -24.53
N LEU B 270 -18.07 3.53 -24.50
CA LEU B 270 -18.60 4.71 -23.81
C LEU B 270 -19.37 5.69 -24.72
N ALA B 271 -19.76 5.27 -25.94
CA ALA B 271 -20.49 6.09 -26.92
C ALA B 271 -21.84 6.59 -26.38
ZN ZN C . 12.53 8.10 26.09
C1 EDO D . -3.96 -7.16 34.18
O1 EDO D . -4.07 -8.57 34.48
C2 EDO D . -5.24 -6.65 33.46
O2 EDO D . -5.46 -5.31 33.75
ZN ZN E . 7.96 25.74 2.57
C1 EDO F . 15.37 21.32 -19.77
O1 EDO F . 15.61 22.60 -19.31
C2 EDO F . 14.68 21.51 -21.12
O2 EDO F . 13.74 22.57 -21.03
#